data_6R49
#
_entry.id   6R49
#
_cell.length_a   82.272
_cell.length_b   82.272
_cell.length_c   174.043
_cell.angle_alpha   90.00
_cell.angle_beta   90.00
_cell.angle_gamma   120.00
#
_symmetry.space_group_name_H-M   'P 61 2 2'
#
loop_
_entity.id
_entity.type
_entity.pdbx_description
1 polymer 'Aurora kinase A'
2 non-polymer "ADENOSINE-5'-DIPHOSPHATE"
3 non-polymer 'MAGNESIUM ION'
4 non-polymer (1~{S},10~{S})-12-cyclopropyl-1-oxidanyl-10-propan-2-yl-9,12-diazatricyclo[8.2.1.0^{2,7}]trideca-2(7),3,5-trien-11-one
5 water water
#
_entity_poly.entity_id   1
_entity_poly.type   'polypeptide(L)'
_entity_poly.pdbx_seq_one_letter_code
;GAMESKKRQWALEDFEIGRPLGKGKFGNVYLAREKQSKFILALKVLFKAQLEKAGVEHQLRREVEIQSHLRHPNILRLYG
YFHDATRVYLILEYAPLGTVYRELQKLSKFDEQRTATYITELANALSYCHSKRVIHRDIKPENLLLGSAGELKIADFGWS
VHAPSSRRT(TPO)LAGTLDYLPPEMIEGRMHDEKVDLWSLGVLCYEFLVGKPPFEANTYQETYKRISRVEFTFPDFVTE
GARDLISRLLKHNPSQRPMLREVLEHPWITANSSKPSNAQNKESASKQS
;
_entity_poly.pdbx_strand_id   A
#
loop_
_chem_comp.id
_chem_comp.type
_chem_comp.name
_chem_comp.formula
ADP non-polymer ADENOSINE-5'-DIPHOSPHATE 'C10 H15 N5 O10 P2'
JSB non-polymer (1~{S},10~{S})-12-cyclopropyl-1-oxidanyl-10-propan-2-yl-9,12-diazatricyclo[8.2.1.0^{2,7}]trideca-2(7),3,5-trien-11-one 'C17 H22 N2 O2'
MG non-polymer 'MAGNESIUM ION' 'Mg 2'
#
# COMPACT_ATOMS: atom_id res chain seq x y z
N GLN A 9 11.04 -11.60 -25.03
CA GLN A 9 10.26 -10.65 -25.81
C GLN A 9 10.84 -9.24 -25.63
N TRP A 10 10.36 -8.50 -24.62
CA TRP A 10 10.87 -7.15 -24.36
C TRP A 10 12.35 -7.16 -23.98
N ALA A 11 13.04 -6.08 -24.36
CA ALA A 11 14.42 -5.86 -23.94
C ALA A 11 14.64 -4.35 -23.70
N LEU A 12 15.77 -4.00 -23.10
CA LEU A 12 16.05 -2.61 -22.75
C LEU A 12 16.01 -1.69 -23.97
N GLU A 13 16.52 -2.21 -25.09
CA GLU A 13 16.61 -1.46 -26.34
C GLU A 13 15.25 -1.03 -26.88
N ASP A 14 14.17 -1.58 -26.34
CA ASP A 14 12.84 -1.19 -26.81
C ASP A 14 12.36 0.11 -26.11
N PHE A 15 13.15 0.65 -25.19
CA PHE A 15 12.69 1.77 -24.37
C PHE A 15 13.64 2.95 -24.31
N GLU A 16 13.07 4.16 -24.30
CA GLU A 16 13.86 5.34 -23.95
C GLU A 16 13.60 5.68 -22.49
N ILE A 17 14.67 5.78 -21.72
CA ILE A 17 14.58 5.99 -20.28
C ILE A 17 14.62 7.49 -19.99
N GLY A 18 13.79 7.94 -19.03
CA GLY A 18 13.73 9.35 -18.65
C GLY A 18 13.98 9.55 -17.16
N ARG A 19 13.27 10.48 -16.54
CA ARG A 19 13.64 10.90 -15.20
C ARG A 19 13.30 9.86 -14.14
N PRO A 20 14.09 9.81 -13.08
CA PRO A 20 13.82 8.95 -11.94
C PRO A 20 12.50 9.32 -11.25
N LEU A 21 11.63 8.33 -11.03
CA LEU A 21 10.35 8.56 -10.38
C LEU A 21 10.42 8.38 -8.85
N GLY A 22 11.23 7.43 -8.37
CA GLY A 22 11.38 7.22 -6.94
C GLY A 22 12.33 6.05 -6.68
N LYS A 23 12.71 5.85 -5.42
CA LYS A 23 13.57 4.74 -5.05
C LYS A 23 12.97 3.89 -3.93
N GLY A 24 13.17 2.58 -4.00
CA GLY A 24 12.80 1.70 -2.93
C GLY A 24 14.02 0.91 -2.45
N LYS A 25 13.79 -0.07 -1.58
CA LYS A 25 14.87 -0.93 -1.08
C LYS A 25 15.59 -1.63 -2.23
N PHE A 26 14.83 -2.27 -3.09
CA PHE A 26 15.40 -2.97 -4.25
C PHE A 26 15.15 -2.19 -5.53
N GLY A 27 13.94 -1.63 -5.64
CA GLY A 27 13.50 -0.96 -6.86
C GLY A 27 14.08 0.43 -7.11
N ASN A 28 14.50 0.65 -8.35
CA ASN A 28 14.85 1.98 -8.79
C ASN A 28 13.98 2.31 -9.98
N VAL A 29 13.04 3.23 -9.80
CA VAL A 29 11.93 3.37 -10.73
C VAL A 29 12.07 4.57 -11.66
N TYR A 30 11.95 4.32 -12.97
CA TYR A 30 12.16 5.35 -13.98
C TYR A 30 10.94 5.54 -14.91
N LEU A 31 10.73 6.78 -15.35
CA LEU A 31 9.84 7.06 -16.47
C LEU A 31 10.44 6.46 -17.74
N ALA A 32 9.61 5.91 -18.62
CA ALA A 32 10.14 5.38 -19.88
C ALA A 32 9.08 5.44 -20.97
N ARG A 33 9.53 5.46 -22.23
CA ARG A 33 8.62 5.42 -23.37
C ARG A 33 8.99 4.29 -24.30
N GLU A 34 8.02 3.44 -24.64
CA GLU A 34 8.23 2.35 -25.59
C GLU A 34 8.35 2.94 -27.00
N LYS A 35 9.45 2.64 -27.68
CA LYS A 35 9.80 3.33 -28.92
C LYS A 35 8.77 3.23 -30.05
N GLN A 36 8.20 2.05 -30.26
CA GLN A 36 7.38 1.87 -31.46
C GLN A 36 5.95 2.38 -31.29
N SER A 37 5.43 2.32 -30.06
CA SER A 37 4.08 2.78 -29.78
C SER A 37 4.03 4.19 -29.14
N LYS A 38 5.17 4.64 -28.61
CA LYS A 38 5.27 5.87 -27.82
C LYS A 38 4.47 5.77 -26.52
N PHE A 39 4.22 4.54 -26.07
CA PHE A 39 3.49 4.32 -24.83
C PHE A 39 4.34 4.73 -23.62
N ILE A 40 3.81 5.64 -22.80
CA ILE A 40 4.49 6.12 -21.61
C ILE A 40 4.21 5.22 -20.41
N LEU A 41 5.25 4.82 -19.70
CA LEU A 41 5.10 3.87 -18.61
C LEU A 41 6.21 4.05 -17.58
N ALA A 42 6.17 3.25 -16.50
CA ALA A 42 7.23 3.27 -15.48
C ALA A 42 7.99 1.94 -15.48
N LEU A 43 9.30 2.04 -15.37
CA LEU A 43 10.18 0.88 -15.39
C LEU A 43 10.81 0.71 -14.00
N LYS A 44 10.46 -0.37 -13.30
CA LYS A 44 11.02 -0.64 -11.98
C LYS A 44 12.25 -1.55 -12.15
N VAL A 45 13.43 -0.99 -11.89
CA VAL A 45 14.70 -1.72 -12.08
C VAL A 45 15.18 -2.37 -10.78
N LEU A 46 15.52 -3.66 -10.84
CA LEU A 46 16.02 -4.38 -9.67
C LEU A 46 17.38 -5.04 -9.97
N PHE A 47 18.26 -5.05 -8.99
CA PHE A 47 19.60 -5.62 -9.15
C PHE A 47 19.62 -7.10 -8.74
N LYS A 48 19.96 -7.99 -9.68
CA LYS A 48 19.91 -9.43 -9.41
C LYS A 48 20.77 -9.85 -8.22
N ALA A 49 21.93 -9.21 -8.08
CA ALA A 49 22.86 -9.57 -7.00
C ALA A 49 22.21 -9.29 -5.64
N GLN A 50 21.51 -8.17 -5.57
CA GLN A 50 20.79 -7.77 -4.37
C GLN A 50 19.63 -8.71 -4.06
N LEU A 51 18.83 -9.02 -5.07
CA LEU A 51 17.72 -9.98 -4.92
C LEU A 51 18.25 -11.35 -4.48
N GLU A 52 19.43 -11.71 -4.99
CA GLU A 52 20.06 -13.00 -4.68
C GLU A 52 20.59 -13.04 -3.25
N LYS A 53 21.37 -12.03 -2.87
CA LYS A 53 21.89 -11.97 -1.50
C LYS A 53 20.73 -11.97 -0.49
N ALA A 54 19.68 -11.22 -0.76
CA ALA A 54 18.55 -11.13 0.17
C ALA A 54 17.67 -12.38 0.10
N GLY A 55 17.76 -13.13 -0.99
CA GLY A 55 16.99 -14.35 -1.15
C GLY A 55 15.49 -14.11 -1.29
N VAL A 56 15.10 -13.13 -2.10
CA VAL A 56 13.69 -12.79 -2.24
C VAL A 56 13.14 -13.02 -3.66
N GLU A 57 13.60 -14.08 -4.30
CA GLU A 57 13.12 -14.45 -5.63
C GLU A 57 11.62 -14.77 -5.60
N HIS A 58 11.20 -15.44 -4.52
CA HIS A 58 9.82 -15.89 -4.36
C HIS A 58 8.86 -14.71 -4.22
N GLN A 59 9.32 -13.63 -3.60
CA GLN A 59 8.49 -12.43 -3.43
C GLN A 59 8.28 -11.74 -4.76
N LEU A 60 9.33 -11.68 -5.57
CA LEU A 60 9.26 -11.04 -6.88
C LEU A 60 8.31 -11.80 -7.81
N ARG A 61 8.40 -13.13 -7.81
CA ARG A 61 7.45 -13.94 -8.59
C ARG A 61 6.00 -13.70 -8.17
N ARG A 62 5.74 -13.61 -6.86
CA ARG A 62 4.39 -13.30 -6.37
C ARG A 62 3.91 -11.92 -6.84
N GLU A 63 4.81 -10.93 -6.80
CA GLU A 63 4.52 -9.57 -7.27
C GLU A 63 4.10 -9.57 -8.75
N VAL A 64 4.91 -10.19 -9.59
CA VAL A 64 4.62 -10.34 -11.01
C VAL A 64 3.32 -11.12 -11.25
N GLU A 65 3.21 -12.31 -10.62
CA GLU A 65 2.03 -13.15 -10.81
C GLU A 65 0.73 -12.49 -10.34
N ILE A 66 0.69 -12.06 -9.08
CA ILE A 66 -0.54 -11.47 -8.52
C ILE A 66 -0.97 -10.19 -9.25
N GLN A 67 -0.05 -9.24 -9.37
CA GLN A 67 -0.39 -7.90 -9.86
C GLN A 67 -0.73 -7.89 -11.36
N SER A 68 -0.20 -8.84 -12.12
CA SER A 68 -0.48 -8.85 -13.55
C SER A 68 -1.86 -9.46 -13.87
N HIS A 69 -2.43 -10.20 -12.93
CA HIS A 69 -3.75 -10.78 -13.17
C HIS A 69 -4.88 -9.99 -12.49
N LEU A 70 -4.54 -9.11 -11.55
CA LEU A 70 -5.54 -8.24 -10.93
C LEU A 70 -6.01 -7.18 -11.91
N ARG A 71 -7.31 -6.91 -11.92
CA ARG A 71 -7.88 -5.86 -12.75
C ARG A 71 -8.89 -5.02 -11.96
N HIS A 72 -8.44 -3.87 -11.46
CA HIS A 72 -9.28 -2.95 -10.68
C HIS A 72 -8.77 -1.52 -10.83
N PRO A 73 -9.68 -0.54 -10.94
CA PRO A 73 -9.24 0.83 -11.25
C PRO A 73 -8.39 1.42 -10.14
N ASN A 74 -8.56 0.91 -8.93
CA ASN A 74 -7.76 1.39 -7.81
C ASN A 74 -6.58 0.47 -7.48
N ILE A 75 -6.18 -0.34 -8.46
CA ILE A 75 -4.97 -1.14 -8.35
C ILE A 75 -4.04 -0.92 -9.54
N LEU A 76 -2.77 -0.64 -9.27
CA LEU A 76 -1.79 -0.36 -10.32
C LEU A 76 -1.52 -1.58 -11.20
N ARG A 77 -1.65 -1.41 -12.50
CA ARG A 77 -1.39 -2.50 -13.45
C ARG A 77 0.11 -2.83 -13.56
N LEU A 78 0.40 -4.11 -13.79
CA LEU A 78 1.75 -4.54 -14.16
C LEU A 78 1.62 -5.29 -15.47
N TYR A 79 2.33 -4.81 -16.51
CA TYR A 79 2.13 -5.31 -17.87
C TYR A 79 3.07 -6.48 -18.25
N GLY A 80 4.22 -6.59 -17.59
CA GLY A 80 5.16 -7.66 -17.91
C GLY A 80 6.54 -7.40 -17.32
N TYR A 81 7.54 -8.14 -17.81
CA TYR A 81 8.92 -8.01 -17.31
C TYR A 81 9.94 -8.57 -18.29
N PHE A 82 11.21 -8.19 -18.10
CA PHE A 82 12.33 -8.83 -18.77
C PHE A 82 13.56 -8.72 -17.87
N HIS A 83 14.68 -9.26 -18.30
CA HIS A 83 15.90 -9.18 -17.51
C HIS A 83 17.14 -9.30 -18.39
N ASP A 84 18.25 -8.69 -17.96
CA ASP A 84 19.53 -8.89 -18.65
C ASP A 84 20.54 -9.50 -17.68
N ALA A 85 21.83 -9.39 -18.01
CA ALA A 85 22.86 -10.05 -17.23
C ALA A 85 22.93 -9.59 -15.76
N THR A 86 22.53 -8.36 -15.47
CA THR A 86 22.65 -7.86 -14.09
C THR A 86 21.37 -7.36 -13.43
N ARG A 87 20.30 -7.19 -14.21
CA ARG A 87 19.10 -6.53 -13.72
C ARG A 87 17.80 -7.22 -14.13
N VAL A 88 16.76 -7.01 -13.33
CA VAL A 88 15.37 -7.34 -13.67
C VAL A 88 14.56 -6.06 -13.87
N TYR A 89 13.65 -6.05 -14.84
CA TYR A 89 12.83 -4.88 -15.18
C TYR A 89 11.33 -5.18 -15.12
N LEU A 90 10.60 -4.58 -14.19
CA LEU A 90 9.14 -4.72 -14.16
C LEU A 90 8.49 -3.57 -14.94
N ILE A 91 7.62 -3.89 -15.88
CA ILE A 91 6.92 -2.89 -16.69
C ILE A 91 5.59 -2.50 -16.03
N LEU A 92 5.52 -1.27 -15.50
CA LEU A 92 4.36 -0.83 -14.73
C LEU A 92 3.54 0.29 -15.39
N GLU A 93 2.27 0.35 -15.03
CA GLU A 93 1.43 1.53 -15.27
C GLU A 93 2.08 2.75 -14.61
N TYR A 94 2.23 3.84 -15.37
CA TYR A 94 2.79 5.07 -14.81
C TYR A 94 1.70 5.85 -14.07
N ALA A 95 1.99 6.23 -12.83
CA ALA A 95 1.05 7.02 -12.02
C ALA A 95 1.53 8.47 -11.94
N PRO A 96 0.85 9.37 -12.67
CA PRO A 96 1.39 10.72 -12.95
C PRO A 96 1.29 11.73 -11.80
N LEU A 97 0.54 11.43 -10.74
CA LEU A 97 0.39 12.42 -9.67
C LEU A 97 1.18 12.04 -8.42
N GLY A 98 1.97 10.97 -8.50
CA GLY A 98 2.91 10.66 -7.44
C GLY A 98 2.38 9.80 -6.30
N THR A 99 3.05 9.86 -5.15
CA THR A 99 2.65 9.05 -3.98
C THR A 99 1.75 9.82 -3.01
N VAL A 100 0.93 9.09 -2.28
CA VAL A 100 0.20 9.66 -1.15
C VAL A 100 1.22 10.17 -0.12
N TYR A 101 2.36 9.50 -0.02
CA TYR A 101 3.43 9.91 0.90
C TYR A 101 3.87 11.36 0.65
N ARG A 102 4.14 11.68 -0.62
CA ARG A 102 4.57 13.02 -0.99
C ARG A 102 3.47 14.06 -0.70
N GLU A 103 2.23 13.69 -1.01
CA GLU A 103 1.11 14.59 -0.81
C GLU A 103 0.93 14.92 0.68
N LEU A 104 1.19 13.92 1.54
CA LEU A 104 1.13 14.13 2.99
C LEU A 104 2.23 15.07 3.49
N GLN A 105 3.43 14.93 2.91
CA GLN A 105 4.52 15.82 3.29
C GLN A 105 4.21 17.26 2.88
N LYS A 106 3.52 17.40 1.76
CA LYS A 106 3.19 18.71 1.22
C LYS A 106 2.17 19.44 2.09
N LEU A 107 1.17 18.72 2.58
CA LEU A 107 0.01 19.34 3.23
C LEU A 107 0.01 19.20 4.76
N SER A 108 0.88 18.35 5.30
CA SER A 108 0.94 18.04 6.74
C SER A 108 -0.15 17.04 7.18
N LYS A 109 -1.41 17.37 6.95
CA LYS A 109 -2.49 16.41 7.17
C LYS A 109 -3.65 16.66 6.20
N PHE A 110 -4.51 15.67 6.04
CA PHE A 110 -5.64 15.76 5.11
C PHE A 110 -6.93 16.13 5.85
N ASP A 111 -7.85 16.86 5.20
CA ASP A 111 -9.14 17.11 5.84
C ASP A 111 -9.95 15.81 5.82
N GLU A 112 -11.12 15.85 6.44
CA GLU A 112 -11.93 14.65 6.57
C GLU A 112 -12.42 14.13 5.22
N GLN A 113 -12.72 15.03 4.29
CA GLN A 113 -13.26 14.61 3.00
C GLN A 113 -12.21 13.93 2.13
N ARG A 114 -11.00 14.48 2.13
CA ARG A 114 -9.89 13.86 1.42
C ARG A 114 -9.56 12.47 1.98
N THR A 115 -9.47 12.40 3.30
CA THR A 115 -9.25 11.13 4.02
C THR A 115 -10.30 10.06 3.71
N ALA A 116 -11.57 10.38 3.92
CA ALA A 116 -12.67 9.44 3.67
C ALA A 116 -12.71 8.96 2.21
N THR A 117 -12.36 9.85 1.29
CA THR A 117 -12.35 9.48 -0.11
C THR A 117 -11.23 8.47 -0.35
N TYR A 118 -10.04 8.73 0.18
CA TYR A 118 -8.92 7.79 0.06
C TYR A 118 -9.26 6.43 0.70
N ILE A 119 -9.96 6.46 1.82
CA ILE A 119 -10.29 5.22 2.53
C ILE A 119 -11.27 4.36 1.75
N THR A 120 -12.24 5.00 1.11
CA THR A 120 -13.21 4.28 0.28
C THR A 120 -12.51 3.58 -0.87
N GLU A 121 -11.63 4.31 -1.56
CA GLU A 121 -10.92 3.77 -2.72
C GLU A 121 -10.06 2.59 -2.31
N LEU A 122 -9.36 2.76 -1.20
CA LEU A 122 -8.57 1.71 -0.57
C LEU A 122 -9.44 0.50 -0.21
N ALA A 123 -10.57 0.75 0.47
CA ALA A 123 -11.45 -0.35 0.86
C ALA A 123 -12.01 -1.05 -0.37
N ASN A 124 -12.30 -0.30 -1.43
CA ASN A 124 -12.78 -0.89 -2.67
C ASN A 124 -11.72 -1.84 -3.29
N ALA A 125 -10.47 -1.39 -3.31
CA ALA A 125 -9.40 -2.19 -3.88
C ALA A 125 -9.13 -3.42 -3.02
N LEU A 126 -9.11 -3.23 -1.70
CA LEU A 126 -8.84 -4.33 -0.79
C LEU A 126 -9.96 -5.38 -0.82
N SER A 127 -11.19 -4.92 -1.06
CA SER A 127 -12.32 -5.83 -1.12
C SER A 127 -12.19 -6.78 -2.32
N TYR A 128 -11.77 -6.22 -3.45
CA TYR A 128 -11.50 -7.00 -4.65
C TYR A 128 -10.39 -8.03 -4.39
N CYS A 129 -9.29 -7.58 -3.78
CA CYS A 129 -8.20 -8.50 -3.42
C CYS A 129 -8.64 -9.65 -2.53
N HIS A 130 -9.30 -9.33 -1.40
CA HIS A 130 -9.67 -10.34 -0.42
C HIS A 130 -10.68 -11.33 -1.01
N SER A 131 -11.45 -10.89 -2.00
CA SER A 131 -12.41 -11.78 -2.67
C SER A 131 -11.66 -12.92 -3.35
N LYS A 132 -10.43 -12.65 -3.78
CA LYS A 132 -9.56 -13.68 -4.34
C LYS A 132 -8.64 -14.27 -3.28
N ARG A 133 -8.93 -13.96 -2.01
CA ARG A 133 -8.08 -14.36 -0.88
C ARG A 133 -6.62 -13.93 -1.09
N VAL A 134 -6.43 -12.76 -1.67
CA VAL A 134 -5.13 -12.12 -1.73
C VAL A 134 -5.02 -11.08 -0.63
N ILE A 135 -3.95 -11.13 0.16
CA ILE A 135 -3.72 -10.11 1.16
C ILE A 135 -2.42 -9.38 0.86
N HIS A 136 -2.42 -8.07 1.07
CA HIS A 136 -1.33 -7.21 0.58
C HIS A 136 -0.16 -7.11 1.56
N ARG A 137 -0.48 -6.80 2.81
CA ARG A 137 0.46 -6.87 3.95
C ARG A 137 1.49 -5.74 4.03
N ASP A 138 1.51 -4.82 3.05
CA ASP A 138 2.48 -3.72 3.05
C ASP A 138 1.83 -2.42 2.56
N ILE A 139 0.60 -2.19 3.03
CA ILE A 139 -0.15 -0.95 2.79
C ILE A 139 0.46 0.22 3.57
N LYS A 140 0.95 1.22 2.85
CA LYS A 140 1.49 2.44 3.45
C LYS A 140 1.67 3.52 2.39
N PRO A 141 1.76 4.80 2.81
CA PRO A 141 1.69 5.95 1.90
C PRO A 141 2.62 5.85 0.68
N GLU A 142 3.87 5.46 0.87
CA GLU A 142 4.84 5.40 -0.23
C GLU A 142 4.47 4.31 -1.25
N ASN A 143 3.59 3.38 -0.88
CA ASN A 143 3.12 2.34 -1.81
C ASN A 143 1.71 2.62 -2.33
N LEU A 144 1.17 3.82 -2.03
CA LEU A 144 -0.11 4.24 -2.61
C LEU A 144 0.13 5.38 -3.61
N LEU A 145 -0.25 5.16 -4.87
CA LEU A 145 0.07 6.08 -5.96
C LEU A 145 -1.19 6.79 -6.47
N LEU A 146 -1.01 7.88 -7.21
CA LEU A 146 -2.14 8.69 -7.66
C LEU A 146 -2.27 8.78 -9.18
N GLY A 147 -3.49 8.59 -9.68
CA GLY A 147 -3.74 8.64 -11.12
C GLY A 147 -3.99 10.04 -11.68
N SER A 148 -4.31 10.12 -12.98
CA SER A 148 -4.38 11.42 -13.63
C SER A 148 -5.53 12.26 -13.12
N ALA A 149 -6.56 11.61 -12.59
CA ALA A 149 -7.67 12.33 -11.96
C ALA A 149 -7.58 12.30 -10.43
N GLY A 150 -6.39 12.00 -9.91
CA GLY A 150 -6.12 12.06 -8.49
C GLY A 150 -6.60 10.84 -7.71
N GLU A 151 -7.03 9.81 -8.43
CA GLU A 151 -7.58 8.63 -7.77
C GLU A 151 -6.47 7.76 -7.19
N LEU A 152 -6.75 7.15 -6.05
CA LEU A 152 -5.76 6.35 -5.36
C LEU A 152 -5.54 5.00 -6.06
N LYS A 153 -4.29 4.54 -6.10
CA LYS A 153 -3.95 3.24 -6.67
C LYS A 153 -2.93 2.50 -5.80
N ILE A 154 -3.31 1.33 -5.30
CA ILE A 154 -2.40 0.48 -4.54
C ILE A 154 -1.32 -0.18 -5.42
N ALA A 155 -0.09 -0.18 -4.93
CA ALA A 155 1.04 -0.73 -5.68
C ALA A 155 1.98 -1.53 -4.78
N ASP A 156 3.09 -2.00 -5.35
CA ASP A 156 4.14 -2.75 -4.62
C ASP A 156 3.59 -4.01 -3.94
N PHE A 157 3.38 -5.06 -4.73
CA PHE A 157 2.80 -6.30 -4.24
C PHE A 157 3.86 -7.33 -3.84
N GLY A 158 5.07 -6.84 -3.56
CA GLY A 158 6.18 -7.71 -3.16
C GLY A 158 5.92 -8.56 -1.93
N TRP A 159 5.15 -8.04 -0.98
CA TRP A 159 4.87 -8.78 0.25
C TRP A 159 3.57 -9.56 0.25
N SER A 160 2.82 -9.53 -0.86
CA SER A 160 1.48 -10.14 -0.86
C SER A 160 1.53 -11.67 -0.96
N VAL A 161 0.46 -12.32 -0.49
CA VAL A 161 0.33 -13.78 -0.48
C VAL A 161 -1.13 -14.23 -0.58
N HIS A 162 -1.35 -15.54 -0.44
CA HIS A 162 -2.67 -16.16 -0.39
C HIS A 162 -2.99 -16.67 1.02
N ALA A 163 -3.86 -15.97 1.74
CA ALA A 163 -4.18 -16.31 3.14
C ALA A 163 -4.84 -17.69 3.25
N PRO A 164 -4.64 -18.38 4.41
CA PRO A 164 -3.90 -17.99 5.62
C PRO A 164 -2.37 -18.01 5.45
N SER A 165 -1.62 -17.66 6.49
CA SER A 165 -0.16 -17.57 6.35
C SER A 165 0.66 -17.32 7.61
N SER A 166 1.95 -17.66 7.50
CA SER A 166 3.00 -17.21 8.41
C SER A 166 3.93 -16.29 7.62
N ARG A 167 5.07 -15.92 8.19
CA ARG A 167 6.02 -15.09 7.45
C ARG A 167 7.40 -15.75 7.37
N GLY A 173 12.19 -2.99 7.44
CA GLY A 173 12.13 -1.57 7.78
C GLY A 173 11.21 -1.26 8.96
N THR A 174 10.24 -0.39 8.74
CA THR A 174 9.40 0.15 9.80
C THR A 174 8.27 -0.81 10.20
N LEU A 175 8.01 -0.89 11.50
CA LEU A 175 6.92 -1.71 12.01
C LEU A 175 5.59 -0.97 11.98
N ASP A 176 5.62 0.32 11.66
CA ASP A 176 4.50 1.24 11.93
C ASP A 176 3.13 0.76 11.45
N TYR A 177 3.09 0.00 10.35
CA TYR A 177 1.80 -0.37 9.75
C TYR A 177 1.39 -1.82 10.02
N LEU A 178 2.22 -2.56 10.74
CA LEU A 178 1.97 -3.99 10.94
C LEU A 178 1.15 -4.29 12.21
N PRO A 179 0.19 -5.22 12.11
CA PRO A 179 -0.61 -5.58 13.29
C PRO A 179 0.18 -6.42 14.29
N PRO A 180 -0.37 -6.57 15.51
CA PRO A 180 0.31 -7.33 16.57
C PRO A 180 0.62 -8.78 16.16
N GLU A 181 -0.30 -9.44 15.48
CA GLU A 181 -0.11 -10.86 15.21
C GLU A 181 1.02 -11.07 14.21
N MET A 182 1.31 -10.07 13.39
CA MET A 182 2.35 -10.23 12.40
C MET A 182 3.72 -9.91 12.98
N ILE A 183 3.77 -8.88 13.82
CA ILE A 183 5.02 -8.48 14.44
C ILE A 183 5.46 -9.51 15.49
N GLU A 184 4.49 -10.17 16.12
CA GLU A 184 4.78 -11.18 17.14
C GLU A 184 5.08 -12.53 16.50
N GLY A 185 5.17 -12.55 15.18
CA GLY A 185 5.56 -13.76 14.46
C GLY A 185 4.46 -14.80 14.38
N ARG A 186 3.29 -14.48 14.92
CA ARG A 186 2.17 -15.41 14.92
C ARG A 186 1.61 -15.56 13.52
N MET A 187 0.44 -16.21 13.44
CA MET A 187 -0.20 -16.43 12.15
C MET A 187 -1.21 -15.35 11.82
N HIS A 188 -1.58 -15.23 10.55
CA HIS A 188 -2.42 -14.12 10.12
C HIS A 188 -3.26 -14.37 8.87
N ASP A 189 -4.23 -13.48 8.62
CA ASP A 189 -5.08 -13.56 7.44
C ASP A 189 -5.41 -12.17 6.87
N GLU A 190 -6.52 -12.08 6.14
CA GLU A 190 -7.02 -10.82 5.56
C GLU A 190 -7.09 -9.66 6.56
N LYS A 191 -7.31 -9.97 7.84
CA LYS A 191 -7.54 -8.93 8.86
C LYS A 191 -6.31 -8.03 9.06
N VAL A 192 -5.13 -8.50 8.69
CA VAL A 192 -3.94 -7.65 8.75
C VAL A 192 -4.13 -6.37 7.93
N ASP A 193 -4.73 -6.49 6.75
CA ASP A 193 -4.99 -5.34 5.89
C ASP A 193 -5.99 -4.37 6.54
N LEU A 194 -6.89 -4.89 7.36
CA LEU A 194 -7.83 -4.03 8.06
C LEU A 194 -7.16 -3.21 9.17
N TRP A 195 -6.21 -3.83 9.87
CA TRP A 195 -5.42 -3.08 10.86
C TRP A 195 -4.67 -1.92 10.17
N SER A 196 -4.01 -2.22 9.05
CA SER A 196 -3.24 -1.22 8.31
C SER A 196 -4.15 -0.08 7.82
N LEU A 197 -5.36 -0.42 7.40
CA LEU A 197 -6.35 0.59 7.01
C LEU A 197 -6.62 1.59 8.16
N GLY A 198 -6.76 1.08 9.39
CA GLY A 198 -6.93 1.93 10.56
C GLY A 198 -5.74 2.85 10.84
N VAL A 199 -4.54 2.29 10.74
CA VAL A 199 -3.29 3.05 10.90
C VAL A 199 -3.25 4.21 9.87
N LEU A 200 -3.62 3.91 8.63
CA LEU A 200 -3.64 4.91 7.56
C LEU A 200 -4.70 6.01 7.82
N CYS A 201 -5.88 5.64 8.31
CA CYS A 201 -6.93 6.63 8.54
C CYS A 201 -6.45 7.66 9.58
N TYR A 202 -5.80 7.16 10.61
CA TYR A 202 -5.24 7.99 11.67
C TYR A 202 -4.14 8.91 11.09
N GLU A 203 -3.18 8.32 10.38
CA GLU A 203 -2.07 9.12 9.87
C GLU A 203 -2.55 10.20 8.86
N PHE A 204 -3.55 9.89 8.04
CA PHE A 204 -4.12 10.89 7.13
C PHE A 204 -4.66 12.12 7.90
N LEU A 205 -5.37 11.89 9.00
CA LEU A 205 -6.01 12.97 9.73
C LEU A 205 -5.06 13.72 10.68
N VAL A 206 -4.02 13.03 11.15
CA VAL A 206 -3.15 13.58 12.20
C VAL A 206 -1.78 14.04 11.70
N GLY A 207 -1.22 13.34 10.70
CA GLY A 207 0.06 13.74 10.13
C GLY A 207 1.18 12.78 10.47
N LYS A 208 0.87 11.81 11.33
CA LYS A 208 1.81 10.77 11.72
C LYS A 208 1.07 9.52 12.15
N PRO A 209 1.72 8.34 12.04
CA PRO A 209 1.06 7.07 12.39
C PRO A 209 0.93 6.92 13.91
N PRO A 210 -0.14 6.24 14.36
CA PRO A 210 -0.56 6.22 15.77
C PRO A 210 0.41 5.54 16.74
N PHE A 211 1.28 4.66 16.26
CA PHE A 211 2.19 3.94 17.17
C PHE A 211 3.64 4.36 16.99
N GLU A 212 3.85 5.47 16.31
CA GLU A 212 5.20 5.96 16.02
C GLU A 212 6.00 6.21 17.30
N ALA A 213 7.26 5.75 17.31
CA ALA A 213 8.16 6.03 18.43
C ALA A 213 9.60 6.14 17.93
N ASN A 214 10.54 6.43 18.84
CA ASN A 214 11.93 6.72 18.46
C ASN A 214 12.77 5.51 18.17
N THR A 215 12.35 4.37 18.67
CA THR A 215 13.12 3.15 18.50
C THR A 215 12.21 2.05 18.06
N TYR A 216 12.81 1.07 17.37
CA TYR A 216 12.11 -0.13 16.96
C TYR A 216 11.50 -0.83 18.17
N GLN A 217 12.27 -0.85 19.25
CA GLN A 217 11.91 -1.60 20.45
C GLN A 217 10.65 -1.01 21.10
N GLU A 218 10.61 0.31 21.24
CA GLU A 218 9.43 1.00 21.77
C GLU A 218 8.19 0.90 20.86
N THR A 219 8.37 1.03 19.54
CA THR A 219 7.26 0.92 18.58
C THR A 219 6.58 -0.43 18.73
N TYR A 220 7.43 -1.46 18.86
CA TYR A 220 6.97 -2.82 19.02
C TYR A 220 6.10 -2.92 20.26
N LYS A 221 6.56 -2.30 21.35
CA LYS A 221 5.80 -2.28 22.59
C LYS A 221 4.44 -1.60 22.43
N ARG A 222 4.38 -0.47 21.72
CA ARG A 222 3.14 0.28 21.53
C ARG A 222 2.13 -0.41 20.63
N ILE A 223 2.63 -1.12 19.61
CA ILE A 223 1.75 -1.91 18.75
C ILE A 223 1.12 -3.08 19.50
N SER A 224 1.96 -3.86 20.19
CA SER A 224 1.47 -5.05 20.87
C SER A 224 0.52 -4.73 22.02
N ARG A 225 0.64 -3.53 22.59
CA ARG A 225 -0.25 -3.12 23.68
C ARG A 225 -1.38 -2.22 23.17
N VAL A 226 -1.35 -1.96 21.86
CA VAL A 226 -2.29 -1.05 21.19
C VAL A 226 -2.43 0.28 21.95
N GLU A 227 -1.31 0.97 22.15
CA GLU A 227 -1.32 2.24 22.88
C GLU A 227 -1.31 3.44 21.95
N PHE A 228 -2.49 4.02 21.73
CA PHE A 228 -2.62 5.22 20.89
C PHE A 228 -3.64 6.19 21.50
N THR A 229 -3.45 7.48 21.25
CA THR A 229 -4.42 8.50 21.68
C THR A 229 -4.70 9.48 20.54
N PHE A 230 -5.83 10.19 20.64
CA PHE A 230 -6.29 11.14 19.63
C PHE A 230 -6.03 12.60 20.02
N PRO A 231 -5.58 13.42 19.05
CA PRO A 231 -5.59 14.88 19.25
C PRO A 231 -7.03 15.39 19.37
N ASP A 232 -7.20 16.57 19.97
CA ASP A 232 -8.52 17.12 20.20
C ASP A 232 -9.32 17.33 18.91
N PHE A 233 -8.64 17.59 17.80
CA PHE A 233 -9.35 17.97 16.58
C PHE A 233 -9.94 16.76 15.83
N VAL A 234 -9.58 15.55 16.23
CA VAL A 234 -10.19 14.36 15.60
C VAL A 234 -11.64 14.20 16.06
N THR A 235 -12.57 14.13 15.11
CA THR A 235 -14.01 14.12 15.43
C THR A 235 -14.49 12.75 15.90
N GLU A 236 -15.67 12.72 16.49
CA GLU A 236 -16.23 11.51 17.11
C GLU A 236 -16.37 10.37 16.10
N GLY A 237 -16.87 10.68 14.91
CA GLY A 237 -16.99 9.69 13.85
C GLY A 237 -15.69 9.02 13.42
N ALA A 238 -14.62 9.79 13.25
CA ALA A 238 -13.32 9.23 12.87
C ALA A 238 -12.76 8.35 14.00
N ARG A 239 -12.92 8.85 15.22
CA ARG A 239 -12.54 8.10 16.41
C ARG A 239 -13.23 6.74 16.46
N ASP A 240 -14.53 6.72 16.20
CA ASP A 240 -15.28 5.47 16.22
C ASP A 240 -14.73 4.47 15.19
N LEU A 241 -14.50 4.94 13.96
CA LEU A 241 -14.03 4.04 12.90
C LEU A 241 -12.61 3.51 13.16
N ILE A 242 -11.72 4.39 13.60
CA ILE A 242 -10.34 4.03 13.85
C ILE A 242 -10.23 3.03 15.02
N SER A 243 -11.01 3.26 16.08
CA SER A 243 -10.98 2.38 17.25
C SER A 243 -11.49 0.98 16.94
N ARG A 244 -12.38 0.87 15.95
CA ARG A 244 -12.89 -0.43 15.53
C ARG A 244 -11.85 -1.20 14.71
N LEU A 245 -11.09 -0.48 13.89
CA LEU A 245 -10.07 -1.11 13.04
C LEU A 245 -8.86 -1.58 13.86
N LEU A 246 -8.48 -0.82 14.88
CA LEU A 246 -7.27 -1.16 15.65
C LEU A 246 -7.59 -1.99 16.90
N LYS A 247 -8.16 -3.17 16.69
CA LYS A 247 -8.39 -4.14 17.76
C LYS A 247 -7.24 -5.15 17.79
N HIS A 248 -6.83 -5.58 18.98
CA HIS A 248 -5.77 -6.57 19.09
C HIS A 248 -6.20 -7.88 18.45
N ASN A 249 -7.42 -8.29 18.79
CA ASN A 249 -8.00 -9.53 18.28
C ASN A 249 -8.54 -9.33 16.87
N PRO A 250 -7.89 -9.96 15.87
CA PRO A 250 -8.22 -9.74 14.45
C PRO A 250 -9.71 -9.98 14.17
N SER A 251 -10.29 -11.01 14.77
CA SER A 251 -11.69 -11.35 14.53
C SER A 251 -12.66 -10.25 14.96
N GLN A 252 -12.24 -9.40 15.88
CA GLN A 252 -13.05 -8.27 16.31
C GLN A 252 -13.01 -7.10 15.33
N ARG A 253 -12.02 -7.10 14.42
CA ARG A 253 -11.95 -6.07 13.40
C ARG A 253 -13.10 -6.23 12.41
N PRO A 254 -13.69 -5.11 11.97
CA PRO A 254 -14.87 -5.13 11.08
C PRO A 254 -14.56 -5.68 9.70
N MET A 255 -15.60 -6.01 8.93
CA MET A 255 -15.46 -6.38 7.52
C MET A 255 -15.38 -5.13 6.65
N LEU A 256 -14.79 -5.24 5.46
CA LEU A 256 -14.63 -4.08 4.59
C LEU A 256 -15.98 -3.45 4.23
N ARG A 257 -17.01 -4.28 4.14
CA ARG A 257 -18.36 -3.77 3.86
C ARG A 257 -18.83 -2.83 4.97
N GLU A 258 -18.53 -3.17 6.22
CA GLU A 258 -18.90 -2.32 7.35
C GLU A 258 -18.16 -0.99 7.28
N VAL A 259 -16.89 -1.06 6.88
CA VAL A 259 -16.10 0.17 6.71
C VAL A 259 -16.74 1.10 5.69
N LEU A 260 -17.08 0.56 4.54
CA LEU A 260 -17.66 1.36 3.44
C LEU A 260 -19.03 1.93 3.80
N GLU A 261 -19.74 1.29 4.73
CA GLU A 261 -21.05 1.77 5.13
C GLU A 261 -21.01 2.54 6.46
N HIS A 262 -19.83 2.78 7.00
CA HIS A 262 -19.69 3.53 8.25
C HIS A 262 -20.17 4.97 8.07
N PRO A 263 -21.01 5.47 8.99
CA PRO A 263 -21.63 6.81 8.90
C PRO A 263 -20.62 7.95 8.63
N TRP A 264 -19.46 7.89 9.25
CA TRP A 264 -18.45 8.93 9.04
C TRP A 264 -17.93 8.89 7.59
N ILE A 265 -17.76 7.68 7.07
CA ILE A 265 -17.33 7.50 5.70
C ILE A 265 -18.38 8.01 4.69
N THR A 266 -19.62 7.57 4.82
CA THR A 266 -20.65 7.94 3.87
C THR A 266 -20.98 9.42 3.93
N ALA A 267 -20.75 10.04 5.08
CA ALA A 267 -21.04 11.46 5.24
C ALA A 267 -19.96 12.35 4.59
N ASN A 268 -18.74 11.84 4.49
CA ASN A 268 -17.62 12.69 4.07
C ASN A 268 -16.97 12.31 2.73
N SER A 269 -17.21 11.09 2.24
CA SER A 269 -16.51 10.59 1.05
C SER A 269 -17.11 11.15 -0.23
N SER A 270 -16.28 11.36 -1.26
CA SER A 270 -16.78 11.89 -2.53
C SER A 270 -17.01 10.79 -3.55
N LYS A 271 -16.66 9.56 -3.22
CA LYS A 271 -16.85 8.45 -4.16
C LYS A 271 -17.64 7.31 -3.54
N PRO A 272 -18.31 6.52 -4.40
CA PRO A 272 -19.14 5.38 -3.95
C PRO A 272 -18.34 4.09 -3.79
N SER A 273 -19.00 3.03 -3.32
CA SER A 273 -18.37 1.73 -3.10
C SER A 273 -18.09 0.99 -4.41
PB ADP B . 9.97 -1.11 -3.52
O1B ADP B . 9.36 -2.46 -3.79
O2B ADP B . 11.48 -1.13 -3.58
O3B ADP B . 9.39 -0.35 -2.36
PA ADP B . 8.17 0.38 -5.21
O1A ADP B . 7.59 -0.40 -6.36
O2A ADP B . 7.30 0.67 -4.02
O3A ADP B . 9.61 -0.20 -4.81
O5' ADP B . 8.61 1.82 -5.83
C5' ADP B . 9.48 2.70 -5.10
C4' ADP B . 9.03 4.15 -5.33
O4' ADP B . 9.10 4.53 -6.71
C3' ADP B . 7.57 4.37 -4.94
O3' ADP B . 7.40 4.63 -3.55
C2' ADP B . 7.16 5.56 -5.80
O2' ADP B . 7.65 6.75 -5.19
C1' ADP B . 7.96 5.33 -7.06
N9 ADP B . 7.11 4.59 -8.02
C8 ADP B . 7.05 3.24 -8.09
N7 ADP B . 6.22 2.84 -9.07
C5 ADP B . 5.72 3.95 -9.66
C6 ADP B . 4.79 4.23 -10.78
N6 ADP B . 4.19 3.22 -11.47
N1 ADP B . 4.54 5.52 -11.09
C2 ADP B . 5.12 6.52 -10.40
N3 ADP B . 5.98 6.34 -9.40
C4 ADP B . 6.32 5.10 -8.97
MG MG C . 7.47 0.17 -2.02
MG MG D . 8.87 -4.62 -2.70
C10 JSB E . 17.01 -13.06 -9.60
C15 JSB E . 13.11 -13.18 -12.78
C20 JSB E . 10.88 -13.10 -10.91
C21 JSB E . 11.99 -13.94 -10.68
C01 JSB E . 16.49 -16.61 -15.43
C02 JSB E . 16.41 -16.66 -13.89
C03 JSB E . 17.80 -16.84 -13.28
C04 JSB E . 15.60 -15.42 -13.30
C05 JSB E . 14.43 -15.91 -12.43
C06 JSB E . 14.23 -14.94 -11.25
O07 JSB E . 14.06 -15.69 -10.07
N08 JSB E . 15.54 -14.24 -11.23
C09 JSB E . 15.77 -13.04 -10.45
C11 JSB E . 15.54 -13.19 -8.97
C12 JSB E . 16.33 -14.43 -12.35
O13 JSB E . 17.39 -13.83 -12.51
C14 JSB E . 13.07 -13.98 -11.57
C16 JSB E . 14.35 -13.21 -13.85
N17 JSB E . 14.96 -14.52 -14.36
C18 JSB E . 11.97 -12.36 -12.96
C19 JSB E . 10.87 -12.31 -12.06
H102 JSB E . 17.60 -12.14 -9.48
H101 JSB E . 17.68 -13.92 -9.66
H201 JSB E . 10.03 -13.07 -10.19
H211 JSB E . 11.98 -14.57 -9.76
H011 JSB E . 15.51 -16.61 -15.94
H013 JSB E . 17.03 -17.45 -15.91
H012 JSB E . 16.98 -15.71 -15.79
H021 JSB E . 15.80 -17.58 -13.67
H031 JSB E . 18.37 -15.92 -13.32
H032 JSB E . 18.42 -17.60 -13.77
H033 JSB E . 17.77 -17.14 -12.23
H052 JSB E . 14.54 -16.96 -12.14
H051 JSB E . 13.49 -15.93 -13.01
H071 JSB E . 14.39 -16.59 -10.21
H091 JSB E . 15.46 -12.03 -10.69
H111 JSB E . 15.03 -14.14 -8.77
H112 JSB E . 14.95 -12.35 -8.57
H161 JSB E . 14.07 -12.61 -14.77
H162 JSB E . 15.22 -12.53 -13.58
H1 JSB E . 15.68 -14.37 -15.06
H181 JSB E . 11.90 -11.70 -13.85
H191 JSB E . 10.02 -11.63 -12.25
#